data_6S0H
#
_entry.id   6S0H
#
_cell.length_a   61.430
_cell.length_b   72.318
_cell.length_c   62.933
_cell.angle_alpha   90.000
_cell.angle_beta   111.720
_cell.angle_gamma   90.000
#
_symmetry.space_group_name_H-M   'P 1 21 1'
#
loop_
_entity.id
_entity.type
_entity.pdbx_description
1 polymer Beta-lactamase
2 non-polymer 'ZINC ION'
3 non-polymer 1,2-ETHANEDIOL
4 non-polymer '(2~{R},3~{R})-2-[(2~{S},3~{R})-1,3-bis(oxidanyl)-1-oxidanylidene-butan-2-yl]-3-methyl-4-[(3~{S},5~{S})-5-[(sulfamoylamino)methyl]pyrrolidin-3-yl]sulfanyl-2,3-dihydro-1~{H}-pyrrole-5-carboxylic acid'
5 water water
#
_entity_poly.entity_id   1
_entity_poly.type   'polypeptide(L)'
_entity_poly.pdbx_seq_one_letter_code
;GALPDLKIEKLEEGVFVHTSFEEVNGWGVVTKHGLVVLVNTDAYLIDTPFTATDTEKLVNWFVERGYEIKGTISSHFHSD
STGGIEWLNSQSIPTYASELTNELLKKSGKVQAKYSFSEVSYWLVKNKIEVFYPGPGHTQDNLVVWLPESKILFGGCFIK
PHGLGNLGDANLEAWPKSAKILMSKYGKAKLVVSSHSEKGDASLMKRTWEQALKGLKESKKTSSPSN
;
_entity_poly.pdbx_strand_id   A,B
#
loop_
_chem_comp.id
_chem_comp.type
_chem_comp.name
_chem_comp.formula
EDO non-polymer 1,2-ETHANEDIOL 'C2 H6 O2'
KQ8 non-polymer '(2~{R},3~{R})-2-[(2~{S},3~{R})-1,3-bis(oxidanyl)-1-oxidanylidene-butan-2-yl]-3-methyl-4-[(3~{S},5~{S})-5-[(sulfamoylamino)methyl]pyrrolidin-3-yl]sulfanyl-2,3-dihydro-1~{H}-pyrrole-5-carboxylic acid' 'C15 H26 N4 O7 S2'
ZN non-polymer 'ZINC ION' 'Zn 2'
#
# COMPACT_ATOMS: atom_id res chain seq x y z
N LEU A 3 -14.84 -29.32 0.30
CA LEU A 3 -14.56 -30.40 -0.74
C LEU A 3 -14.00 -29.86 -2.07
N PRO A 4 -14.78 -29.34 -3.07
CA PRO A 4 -14.21 -29.00 -4.37
C PRO A 4 -13.12 -27.92 -4.28
N ASP A 5 -12.26 -27.89 -5.30
CA ASP A 5 -11.27 -26.81 -5.55
C ASP A 5 -12.00 -25.49 -5.77
N LEU A 6 -11.28 -24.39 -5.55
CA LEU A 6 -11.74 -23.04 -5.91
C LEU A 6 -12.30 -23.05 -7.33
N LYS A 7 -13.43 -22.37 -7.52
CA LYS A 7 -14.10 -22.18 -8.82
C LYS A 7 -13.83 -20.76 -9.29
N ILE A 8 -13.67 -20.55 -10.59
CA ILE A 8 -13.51 -19.19 -11.18
C ILE A 8 -14.55 -19.07 -12.28
N GLU A 9 -15.33 -17.99 -12.28
CA GLU A 9 -16.43 -17.77 -13.25
C GLU A 9 -16.38 -16.31 -13.70
N LYS A 10 -16.41 -16.09 -15.01
CA LYS A 10 -16.41 -14.72 -15.59
C LYS A 10 -17.79 -14.10 -15.36
N LEU A 11 -17.86 -12.86 -14.85
CA LEU A 11 -19.12 -12.08 -14.77
C LEU A 11 -19.30 -11.24 -16.02
N GLU A 12 -18.21 -10.63 -16.45
CA GLU A 12 -18.21 -9.83 -17.69
C GLU A 12 -16.77 -9.47 -18.00
N GLU A 13 -16.52 -8.66 -19.04
CA GLU A 13 -15.14 -8.35 -19.47
C GLU A 13 -14.38 -7.81 -18.24
N GLY A 14 -13.35 -8.54 -17.79
CA GLY A 14 -12.41 -8.10 -16.76
C GLY A 14 -12.90 -8.28 -15.33
N VAL A 15 -14.01 -8.99 -15.10
CA VAL A 15 -14.52 -9.25 -13.72
C VAL A 15 -14.87 -10.73 -13.60
N PHE A 16 -14.24 -11.38 -12.62
CA PHE A 16 -14.40 -12.81 -12.32
C PHE A 16 -14.86 -12.93 -10.88
N VAL A 17 -15.70 -13.91 -10.63
CA VAL A 17 -16.02 -14.39 -9.26
C VAL A 17 -15.16 -15.60 -8.98
N HIS A 18 -14.49 -15.59 -7.83
CA HIS A 18 -13.82 -16.78 -7.28
C HIS A 18 -14.66 -17.28 -6.12
N THR A 19 -14.93 -18.58 -6.10
CA THR A 19 -15.74 -19.20 -5.04
C THR A 19 -14.89 -20.27 -4.38
N SER A 20 -14.78 -20.22 -3.07
CA SER A 20 -14.06 -21.26 -2.30
C SER A 20 -14.98 -21.80 -1.21
N PHE A 21 -14.66 -23.01 -0.76
CA PHE A 21 -15.49 -23.78 0.18
C PHE A 21 -14.60 -24.21 1.33
N GLU A 22 -15.10 -24.03 2.56
CA GLU A 22 -14.37 -24.49 3.77
C GLU A 22 -15.39 -24.95 4.81
N GLU A 23 -15.16 -26.12 5.41
CA GLU A 23 -15.91 -26.57 6.59
C GLU A 23 -15.40 -25.76 7.78
N VAL A 24 -16.28 -25.01 8.46
CA VAL A 24 -15.89 -24.17 9.62
C VAL A 24 -16.74 -24.63 10.81
N ASN A 25 -16.11 -25.06 11.91
CA ASN A 25 -16.81 -25.68 13.07
C ASN A 25 -18.23 -25.10 13.17
N GLY A 26 -19.25 -25.98 13.12
CA GLY A 26 -20.67 -25.65 13.35
C GLY A 26 -21.21 -24.50 12.51
N TRP A 27 -20.82 -24.41 11.25
CA TRP A 27 -21.60 -23.75 10.16
C TRP A 27 -21.59 -24.66 8.92
N GLY A 28 -21.01 -25.86 9.06
CA GLY A 28 -20.83 -26.80 7.95
C GLY A 28 -19.94 -26.20 6.88
N VAL A 29 -20.17 -26.55 5.62
CA VAL A 29 -19.33 -26.05 4.50
C VAL A 29 -19.84 -24.66 4.17
N VAL A 30 -18.95 -23.67 4.27
CA VAL A 30 -19.25 -22.26 3.89
C VAL A 30 -18.80 -22.05 2.45
N THR A 31 -19.68 -21.46 1.66
CA THR A 31 -19.40 -21.01 0.27
C THR A 31 -19.03 -19.53 0.34
N LYS A 32 -17.83 -19.15 -0.10
CA LYS A 32 -17.34 -17.74 -0.05
C LYS A 32 -17.03 -17.25 -1.46
N HIS A 33 -17.67 -16.15 -1.87
CA HIS A 33 -17.38 -15.46 -3.15
C HIS A 33 -16.43 -14.29 -2.91
N GLY A 34 -15.40 -14.17 -3.76
CA GLY A 34 -14.63 -12.94 -3.95
C GLY A 34 -14.64 -12.55 -5.42
N LEU A 35 -13.92 -11.50 -5.80
CA LEU A 35 -13.76 -11.11 -7.22
C LEU A 35 -12.30 -11.16 -7.62
N VAL A 36 -12.05 -11.26 -8.92
CA VAL A 36 -10.77 -10.84 -9.55
C VAL A 36 -11.13 -9.79 -10.58
N VAL A 37 -10.47 -8.65 -10.49
CA VAL A 37 -10.70 -7.51 -11.42
C VAL A 37 -9.43 -7.32 -12.25
N LEU A 38 -9.59 -7.24 -13.57
CA LEU A 38 -8.46 -6.99 -14.50
C LEU A 38 -8.43 -5.51 -14.85
N VAL A 39 -7.26 -4.89 -14.72
CA VAL A 39 -6.95 -3.56 -15.30
C VAL A 39 -5.81 -3.80 -16.29
N ASN A 40 -6.09 -3.73 -17.59
CA ASN A 40 -5.13 -4.10 -18.66
C ASN A 40 -4.66 -5.53 -18.37
N THR A 41 -3.35 -5.75 -18.21
CA THR A 41 -2.75 -7.08 -17.93
C THR A 41 -2.45 -7.24 -16.42
N ASP A 42 -2.98 -6.36 -15.58
CA ASP A 42 -2.86 -6.46 -14.10
C ASP A 42 -4.15 -7.06 -13.52
N ALA A 43 -4.02 -7.91 -12.50
CA ALA A 43 -5.15 -8.58 -11.81
C ALA A 43 -5.16 -8.15 -10.33
N TYR A 44 -6.35 -7.89 -9.80
CA TYR A 44 -6.53 -7.55 -8.37
C TYR A 44 -7.49 -8.55 -7.75
N LEU A 45 -7.11 -9.13 -6.61
CA LEU A 45 -7.96 -10.03 -5.82
C LEU A 45 -8.80 -9.19 -4.86
N ILE A 46 -10.12 -9.32 -4.95
CA ILE A 46 -11.08 -8.71 -3.99
C ILE A 46 -11.49 -9.82 -3.03
N ASP A 47 -10.90 -9.79 -1.84
CA ASP A 47 -10.88 -10.88 -0.82
C ASP A 47 -10.02 -12.06 -1.31
N THR A 48 -9.34 -12.71 -0.37
CA THR A 48 -8.61 -13.97 -0.59
C THR A 48 -9.59 -15.10 -0.28
N PRO A 49 -9.46 -16.25 -0.97
CA PRO A 49 -10.10 -17.49 -0.54
C PRO A 49 -9.63 -17.87 0.87
N PHE A 50 -10.29 -18.88 1.44
CA PHE A 50 -10.08 -19.35 2.83
C PHE A 50 -8.64 -19.80 3.07
N THR A 51 -7.99 -20.44 2.10
CA THR A 51 -6.73 -21.21 2.33
C THR A 51 -5.61 -20.71 1.43
N ALA A 52 -4.35 -20.90 1.87
CA ALA A 52 -3.13 -20.77 1.04
C ALA A 52 -3.32 -21.55 -0.26
N THR A 53 -3.80 -22.79 -0.17
CA THR A 53 -3.97 -23.70 -1.33
C THR A 53 -4.87 -23.05 -2.38
N ASP A 54 -6.06 -22.61 -1.98
CA ASP A 54 -7.03 -22.02 -2.94
C ASP A 54 -6.47 -20.70 -3.48
N THR A 55 -5.78 -19.93 -2.63
CA THR A 55 -5.21 -18.62 -3.07
C THR A 55 -4.13 -18.89 -4.12
N GLU A 56 -3.31 -19.92 -3.92
CA GLU A 56 -2.25 -20.31 -4.89
C GLU A 56 -2.92 -20.73 -6.21
N LYS A 57 -3.96 -21.58 -6.16
CA LYS A 57 -4.70 -22.03 -7.36
C LYS A 57 -5.23 -20.79 -8.10
N LEU A 58 -5.81 -19.85 -7.36
CA LEU A 58 -6.40 -18.61 -7.95
C LEU A 58 -5.32 -17.79 -8.63
N VAL A 59 -4.24 -17.48 -7.91
CA VAL A 59 -3.12 -16.66 -8.47
C VAL A 59 -2.57 -17.38 -9.71
N ASN A 60 -2.26 -18.68 -9.60
CA ASN A 60 -1.65 -19.46 -10.69
C ASN A 60 -2.56 -19.44 -11.92
N TRP A 61 -3.87 -19.46 -11.75
CA TRP A 61 -4.82 -19.49 -12.89
C TRP A 61 -4.67 -18.21 -13.73
N PHE A 62 -4.53 -17.07 -13.07
CA PHE A 62 -4.43 -15.75 -13.75
C PHE A 62 -2.99 -15.57 -14.25
N VAL A 63 -1.99 -16.04 -13.51
CA VAL A 63 -0.56 -15.94 -13.93
C VAL A 63 -0.37 -16.74 -15.22
N GLU A 64 -0.88 -17.98 -15.28
CA GLU A 64 -0.78 -18.85 -16.47
C GLU A 64 -1.54 -18.24 -17.66
N ARG A 65 -2.52 -17.36 -17.43
CA ARG A 65 -3.31 -16.73 -18.51
C ARG A 65 -2.74 -15.34 -18.84
N GLY A 66 -1.57 -15.01 -18.28
CA GLY A 66 -0.71 -13.90 -18.72
C GLY A 66 -0.76 -12.69 -17.80
N TYR A 67 -1.50 -12.75 -16.70
CA TYR A 67 -1.76 -11.57 -15.82
C TYR A 67 -0.70 -11.49 -14.73
N GLU A 68 -0.35 -10.28 -14.33
CA GLU A 68 0.44 -10.03 -13.10
C GLU A 68 -0.55 -9.75 -11.98
N ILE A 69 -0.37 -10.37 -10.82
CA ILE A 69 -1.22 -10.08 -9.63
C ILE A 69 -0.64 -8.83 -8.96
N LYS A 70 -1.29 -7.67 -9.14
CA LYS A 70 -0.74 -6.37 -8.66
C LYS A 70 -1.13 -6.10 -7.21
N GLY A 71 -2.17 -6.74 -6.68
CA GLY A 71 -2.66 -6.36 -5.35
C GLY A 71 -3.87 -7.16 -4.94
N THR A 72 -4.04 -7.32 -3.64
CA THR A 72 -5.24 -7.92 -3.02
C THR A 72 -5.77 -6.92 -2.00
N ILE A 73 -7.09 -6.91 -1.81
CA ILE A 73 -7.76 -6.10 -0.76
C ILE A 73 -8.67 -7.07 0.01
N SER A 74 -8.57 -7.06 1.32
CA SER A 74 -9.43 -7.86 2.22
C SER A 74 -10.55 -6.95 2.74
N SER A 75 -11.81 -7.35 2.58
CA SER A 75 -13.00 -6.54 2.93
C SER A 75 -13.14 -6.48 4.45
N HIS A 76 -12.61 -7.46 5.19
CA HIS A 76 -12.60 -7.46 6.67
C HIS A 76 -11.66 -8.52 7.23
N PHE A 77 -11.52 -8.60 8.55
CA PHE A 77 -10.41 -9.32 9.20
C PHE A 77 -10.68 -10.82 9.28
N HIS A 78 -11.92 -11.29 9.12
CA HIS A 78 -12.23 -12.74 9.25
C HIS A 78 -11.54 -13.57 8.16
N SER A 79 -11.40 -14.87 8.40
CA SER A 79 -10.59 -15.81 7.58
C SER A 79 -11.18 -15.99 6.18
N ASP A 80 -12.49 -15.83 5.98
CA ASP A 80 -13.06 -15.97 4.61
C ASP A 80 -12.61 -14.80 3.70
N SER A 81 -12.04 -13.71 4.24
CA SER A 81 -11.53 -12.55 3.44
C SER A 81 -9.99 -12.45 3.44
N THR A 82 -9.32 -13.09 4.40
CA THR A 82 -7.89 -12.85 4.70
C THR A 82 -7.06 -14.14 4.73
N GLY A 83 -7.67 -15.31 4.54
CA GLY A 83 -7.01 -16.61 4.73
C GLY A 83 -5.76 -16.76 3.87
N GLY A 84 -5.75 -16.13 2.69
CA GLY A 84 -4.62 -16.18 1.75
C GLY A 84 -3.50 -15.18 2.05
N ILE A 85 -3.66 -14.27 3.01
CA ILE A 85 -2.71 -13.13 3.13
C ILE A 85 -1.29 -13.67 3.37
N GLU A 86 -1.11 -14.60 4.31
CA GLU A 86 0.24 -15.10 4.65
C GLU A 86 0.93 -15.64 3.39
N TRP A 87 0.24 -16.44 2.60
CA TRP A 87 0.83 -17.02 1.37
C TRP A 87 1.15 -15.91 0.37
N LEU A 88 0.23 -14.96 0.14
CA LEU A 88 0.49 -13.84 -0.82
C LEU A 88 1.74 -13.05 -0.38
N ASN A 89 1.88 -12.79 0.93
CA ASN A 89 3.03 -12.03 1.48
C ASN A 89 4.33 -12.77 1.13
N SER A 90 4.34 -14.09 1.32
CA SER A 90 5.53 -14.94 1.06
C SER A 90 5.91 -14.88 -0.42
N GLN A 91 4.96 -14.61 -1.31
CA GLN A 91 5.20 -14.48 -2.77
C GLN A 91 5.47 -13.02 -3.17
N SER A 92 5.53 -12.08 -2.23
CA SER A 92 5.70 -10.64 -2.52
C SER A 92 4.59 -10.15 -3.47
N ILE A 93 3.37 -10.62 -3.27
CA ILE A 93 2.16 -10.03 -3.92
C ILE A 93 1.59 -9.04 -2.91
N PRO A 94 1.52 -7.74 -3.25
CA PRO A 94 1.07 -6.73 -2.29
C PRO A 94 -0.32 -7.06 -1.76
N THR A 95 -0.46 -7.14 -0.43
CA THR A 95 -1.75 -7.30 0.28
C THR A 95 -2.13 -5.99 0.96
N TYR A 96 -3.41 -5.64 0.88
CA TYR A 96 -3.97 -4.38 1.42
C TYR A 96 -5.13 -4.70 2.37
N ALA A 97 -5.21 -3.93 3.45
CA ALA A 97 -6.34 -3.96 4.39
C ALA A 97 -6.43 -2.58 5.02
N SER A 98 -7.57 -2.21 5.61
CA SER A 98 -7.69 -0.95 6.39
C SER A 98 -6.76 -1.08 7.60
N GLU A 99 -6.36 0.06 8.19
CA GLU A 99 -5.56 0.09 9.43
C GLU A 99 -6.33 -0.67 10.51
N LEU A 100 -7.63 -0.46 10.59
CA LEU A 100 -8.47 -1.12 11.61
C LEU A 100 -8.43 -2.64 11.38
N THR A 101 -8.60 -3.09 10.13
CA THR A 101 -8.57 -4.53 9.78
C THR A 101 -7.23 -5.11 10.20
N ASN A 102 -6.13 -4.44 9.85
CA ASN A 102 -4.79 -4.94 10.21
C ASN A 102 -4.63 -5.05 11.73
N GLU A 103 -5.20 -4.12 12.50
CA GLU A 103 -5.06 -4.18 13.98
C GLU A 103 -5.95 -5.27 14.53
N LEU A 104 -7.09 -5.53 13.90
CA LEU A 104 -7.98 -6.64 14.33
C LEU A 104 -7.29 -7.98 14.03
N LEU A 105 -6.60 -8.09 12.90
CA LEU A 105 -5.81 -9.30 12.55
C LEU A 105 -4.73 -9.51 13.62
N LYS A 106 -3.95 -8.48 13.90
CA LYS A 106 -2.86 -8.49 14.93
C LYS A 106 -3.44 -9.02 16.26
N LYS A 107 -4.53 -8.39 16.71
CA LYS A 107 -5.19 -8.70 18.01
C LYS A 107 -5.69 -10.16 18.02
N SER A 108 -6.02 -10.72 16.85
CA SER A 108 -6.51 -12.11 16.67
C SER A 108 -5.34 -13.09 16.48
N GLY A 109 -4.10 -12.59 16.53
CA GLY A 109 -2.88 -13.39 16.30
C GLY A 109 -2.79 -13.95 14.89
N LYS A 110 -3.23 -13.18 13.89
CA LYS A 110 -3.17 -13.55 12.45
C LYS A 110 -2.16 -12.66 11.75
N VAL A 111 -1.65 -13.12 10.61
CA VAL A 111 -0.73 -12.34 9.76
C VAL A 111 -1.48 -11.15 9.15
N GLN A 112 -0.81 -10.00 9.09
CA GLN A 112 -1.39 -8.73 8.59
C GLN A 112 -1.12 -8.57 7.10
N ALA A 113 -1.97 -7.81 6.43
CA ALA A 113 -1.67 -7.29 5.07
C ALA A 113 -0.41 -6.41 5.18
N LYS A 114 0.40 -6.36 4.13
CA LYS A 114 1.67 -5.60 4.10
C LYS A 114 1.35 -4.09 4.10
N TYR A 115 0.31 -3.66 3.41
CA TYR A 115 -0.08 -2.23 3.24
C TYR A 115 -1.44 -1.96 3.89
N SER A 116 -1.58 -0.83 4.59
CA SER A 116 -2.88 -0.39 5.15
C SER A 116 -3.20 1.05 4.75
N PHE A 117 -4.48 1.45 4.91
CA PHE A 117 -5.02 2.77 4.51
C PHE A 117 -6.13 3.10 5.52
N SER A 118 -6.44 4.37 5.74
CA SER A 118 -7.46 4.80 6.73
C SER A 118 -8.66 5.48 6.06
N GLU A 119 -8.55 5.85 4.78
CA GLU A 119 -9.54 6.67 4.03
C GLU A 119 -10.88 5.92 3.95
N VAL A 120 -11.99 6.64 4.15
CA VAL A 120 -13.39 6.12 4.06
C VAL A 120 -13.67 5.70 2.62
N SER A 121 -13.42 6.60 1.67
CA SER A 121 -13.45 6.36 0.20
C SER A 121 -12.02 6.46 -0.32
N TYR A 122 -11.47 5.40 -0.90
CA TYR A 122 -10.23 5.62 -1.66
C TYR A 122 -10.20 4.68 -2.86
N TRP A 123 -9.46 5.15 -3.83
CA TRP A 123 -9.19 4.42 -5.09
C TRP A 123 -8.03 3.45 -4.86
N LEU A 124 -8.28 2.14 -4.84
CA LEU A 124 -7.20 1.12 -4.91
C LEU A 124 -6.54 1.28 -6.27
N VAL A 125 -7.36 1.40 -7.32
CA VAL A 125 -6.97 1.73 -8.72
C VAL A 125 -7.88 2.86 -9.24
N LYS A 126 -7.30 4.00 -9.57
CA LYS A 126 -8.03 5.26 -9.93
C LYS A 126 -9.04 4.96 -11.04
N ASN A 127 -10.29 5.34 -10.84
CA ASN A 127 -11.42 5.23 -11.81
C ASN A 127 -11.80 3.77 -12.07
N LYS A 128 -11.21 2.78 -11.38
CA LYS A 128 -11.45 1.35 -11.69
C LYS A 128 -11.92 0.59 -10.45
N ILE A 129 -11.31 0.79 -9.29
CA ILE A 129 -11.60 0.02 -8.05
C ILE A 129 -11.61 1.00 -6.89
N GLU A 130 -12.81 1.25 -6.34
CA GLU A 130 -13.04 2.13 -5.16
C GLU A 130 -13.31 1.24 -3.93
N VAL A 131 -12.68 1.55 -2.79
CA VAL A 131 -12.87 0.86 -1.48
C VAL A 131 -13.63 1.84 -0.60
N PHE A 132 -14.75 1.39 -0.01
CA PHE A 132 -15.67 2.26 0.76
C PHE A 132 -16.04 1.61 2.10
N TYR A 133 -15.97 2.41 3.16
CA TYR A 133 -16.40 2.00 4.52
C TYR A 133 -17.79 2.55 4.77
N PRO A 134 -18.87 1.73 4.74
CA PRO A 134 -20.22 2.25 4.99
C PRO A 134 -20.50 2.44 6.49
N GLY A 135 -19.66 1.84 7.34
CA GLY A 135 -19.86 1.81 8.80
C GLY A 135 -19.97 0.36 9.28
N PRO A 136 -19.94 0.13 10.60
CA PRO A 136 -19.98 -1.22 11.16
C PRO A 136 -21.26 -1.97 10.79
N GLY A 137 -21.16 -3.29 10.67
CA GLY A 137 -22.31 -4.19 10.49
C GLY A 137 -21.94 -5.59 10.90
N HIS A 138 -21.64 -6.42 9.90
CA HIS A 138 -21.09 -7.78 10.10
C HIS A 138 -19.88 -7.71 11.03
N THR A 139 -19.01 -6.71 10.82
CA THR A 139 -17.89 -6.39 11.74
C THR A 139 -17.72 -4.88 11.82
N GLN A 140 -16.88 -4.44 12.75
CA GLN A 140 -16.53 -3.01 12.94
C GLN A 140 -15.83 -2.46 11.68
N ASP A 141 -15.12 -3.33 10.96
CA ASP A 141 -14.13 -2.94 9.92
C ASP A 141 -14.66 -3.18 8.51
N ASN A 142 -15.84 -3.77 8.33
CA ASN A 142 -16.31 -4.29 7.02
C ASN A 142 -16.26 -3.18 5.96
N LEU A 143 -15.71 -3.50 4.79
CA LEU A 143 -15.57 -2.61 3.59
C LEU A 143 -16.33 -3.23 2.43
N VAL A 144 -16.69 -2.37 1.47
CA VAL A 144 -17.26 -2.79 0.16
C VAL A 144 -16.34 -2.28 -0.95
N VAL A 145 -16.44 -2.90 -2.10
CA VAL A 145 -15.61 -2.52 -3.25
C VAL A 145 -16.52 -2.24 -4.44
N TRP A 146 -16.36 -1.05 -5.02
CA TRP A 146 -17.18 -0.55 -6.14
C TRP A 146 -16.33 -0.54 -7.41
N LEU A 147 -16.90 -1.04 -8.50
CA LEU A 147 -16.27 -1.05 -9.84
C LEU A 147 -17.07 -0.11 -10.73
N PRO A 148 -16.64 1.16 -10.86
CA PRO A 148 -17.41 2.19 -11.54
C PRO A 148 -17.74 1.87 -13.00
N GLU A 149 -16.83 1.20 -13.72
CA GLU A 149 -17.01 0.93 -15.17
C GLU A 149 -18.14 -0.08 -15.35
N SER A 150 -18.16 -1.15 -14.55
CA SER A 150 -19.15 -2.25 -14.66
C SER A 150 -20.40 -1.95 -13.81
N LYS A 151 -20.32 -0.99 -12.89
CA LYS A 151 -21.38 -0.69 -11.88
C LYS A 151 -21.66 -1.95 -11.05
N ILE A 152 -20.61 -2.71 -10.74
CA ILE A 152 -20.71 -3.88 -9.82
C ILE A 152 -20.25 -3.44 -8.42
N LEU A 153 -21.02 -3.80 -7.42
CA LEU A 153 -20.66 -3.64 -5.99
C LEU A 153 -20.34 -5.01 -5.39
N PHE A 154 -19.14 -5.17 -4.85
CA PHE A 154 -18.78 -6.30 -3.96
C PHE A 154 -19.06 -5.91 -2.50
N GLY A 155 -20.07 -6.52 -1.89
CA GLY A 155 -20.53 -6.16 -0.54
C GLY A 155 -19.90 -7.01 0.56
N GLY A 156 -19.17 -8.07 0.18
CA GLY A 156 -18.56 -8.99 1.17
C GLY A 156 -19.57 -9.55 2.14
N CYS A 157 -19.22 -9.66 3.42
CA CYS A 157 -20.05 -10.29 4.47
C CYS A 157 -21.04 -9.27 5.05
N PHE A 158 -20.98 -8.02 4.58
CA PHE A 158 -21.91 -6.94 5.00
C PHE A 158 -23.29 -7.15 4.34
N ILE A 159 -23.32 -7.61 3.08
CA ILE A 159 -24.59 -7.85 2.34
C ILE A 159 -25.14 -9.21 2.77
N LYS A 160 -26.32 -9.20 3.39
CA LYS A 160 -26.93 -10.37 4.05
C LYS A 160 -28.43 -10.34 3.84
N PRO A 161 -28.92 -10.74 2.65
CA PRO A 161 -30.34 -10.62 2.32
C PRO A 161 -31.26 -11.66 2.99
N HIS A 162 -30.67 -12.72 3.57
CA HIS A 162 -31.34 -13.99 3.96
C HIS A 162 -30.74 -14.54 5.26
N GLY A 163 -30.62 -13.77 6.35
CA GLY A 163 -29.94 -14.23 7.58
C GLY A 163 -28.55 -13.62 7.67
N LEU A 164 -28.19 -13.14 8.87
CA LEU A 164 -26.99 -12.27 9.08
C LEU A 164 -25.73 -13.12 9.23
N GLY A 165 -25.88 -14.42 9.50
CA GLY A 165 -24.75 -15.35 9.68
C GLY A 165 -24.04 -15.11 11.00
N ASN A 166 -22.71 -15.18 11.01
CA ASN A 166 -21.89 -15.07 12.24
C ASN A 166 -22.04 -13.68 12.87
N LEU A 167 -22.65 -13.62 14.07
CA LEU A 167 -22.91 -12.35 14.79
C LEU A 167 -21.83 -12.11 15.85
N GLY A 168 -20.88 -13.04 15.99
CA GLY A 168 -19.83 -12.99 17.04
C GLY A 168 -19.16 -11.63 17.14
N ASP A 169 -18.90 -10.97 16.01
CA ASP A 169 -18.13 -9.69 15.96
C ASP A 169 -18.98 -8.60 15.33
N ALA A 170 -20.31 -8.80 15.27
CA ALA A 170 -21.24 -7.89 14.59
C ALA A 170 -21.60 -6.71 15.50
N ASN A 171 -21.96 -5.59 14.86
CA ASN A 171 -22.45 -4.35 15.50
C ASN A 171 -23.90 -4.14 15.02
N LEU A 172 -24.83 -4.84 15.67
CA LEU A 172 -26.24 -4.81 15.24
C LEU A 172 -26.83 -3.41 15.38
N GLU A 173 -26.42 -2.66 16.41
CA GLU A 173 -26.89 -1.27 16.62
C GLU A 173 -26.53 -0.42 15.39
N ALA A 174 -25.33 -0.59 14.82
CA ALA A 174 -24.80 0.27 13.71
C ALA A 174 -25.30 -0.22 12.34
N TRP A 175 -25.56 -1.52 12.22
CA TRP A 175 -25.69 -2.18 10.89
C TRP A 175 -26.80 -1.52 10.08
N PRO A 176 -28.01 -1.24 10.63
CA PRO A 176 -29.06 -0.58 9.86
C PRO A 176 -28.60 0.79 9.32
N LYS A 177 -27.91 1.58 10.14
CA LYS A 177 -27.39 2.92 9.74
C LYS A 177 -26.39 2.75 8.60
N SER A 178 -25.45 1.81 8.76
CA SER A 178 -24.41 1.49 7.75
C SER A 178 -25.09 1.03 6.45
N ALA A 179 -26.15 0.24 6.53
CA ALA A 179 -26.88 -0.28 5.34
C ALA A 179 -27.55 0.89 4.60
N LYS A 180 -28.09 1.86 5.35
CA LYS A 180 -28.71 3.05 4.74
C LYS A 180 -27.62 3.86 4.03
N ILE A 181 -26.49 4.06 4.69
CA ILE A 181 -25.37 4.81 4.06
C ILE A 181 -25.01 4.13 2.74
N LEU A 182 -24.91 2.79 2.72
CA LEU A 182 -24.51 2.04 1.51
C LEU A 182 -25.56 2.25 0.41
N MET A 183 -26.85 2.07 0.75
CA MET A 183 -27.99 2.28 -0.18
C MET A 183 -27.89 3.66 -0.81
N SER A 184 -27.68 4.69 0.02
CA SER A 184 -27.57 6.11 -0.43
C SER A 184 -26.42 6.26 -1.43
N LYS A 185 -25.28 5.61 -1.18
CA LYS A 185 -24.08 5.83 -2.03
C LYS A 185 -24.21 5.04 -3.35
N TYR A 186 -24.72 3.80 -3.32
CA TYR A 186 -24.57 2.87 -4.46
C TYR A 186 -25.92 2.37 -5.01
N GLY A 187 -26.99 3.15 -4.86
CA GLY A 187 -28.28 2.94 -5.57
C GLY A 187 -28.11 2.59 -7.04
N LYS A 188 -27.09 3.15 -7.73
CA LYS A 188 -26.76 2.94 -9.17
C LYS A 188 -26.03 1.61 -9.43
N ALA A 189 -25.80 0.73 -8.44
CA ALA A 189 -25.23 -0.62 -8.67
C ALA A 189 -26.20 -1.42 -9.54
N LYS A 190 -25.74 -2.00 -10.63
CA LYS A 190 -26.59 -2.87 -11.47
C LYS A 190 -26.45 -4.31 -11.00
N LEU A 191 -25.43 -4.59 -10.18
CA LEU A 191 -25.18 -5.95 -9.63
C LEU A 191 -24.53 -5.82 -8.26
N VAL A 192 -25.00 -6.61 -7.31
CA VAL A 192 -24.41 -6.68 -5.95
C VAL A 192 -23.92 -8.12 -5.76
N VAL A 193 -22.62 -8.30 -5.63
CA VAL A 193 -21.99 -9.60 -5.29
C VAL A 193 -21.71 -9.59 -3.80
N SER A 194 -22.19 -10.61 -3.09
CA SER A 194 -21.96 -10.74 -1.64
C SER A 194 -21.06 -11.94 -1.40
N SER A 195 -20.58 -12.09 -0.18
CA SER A 195 -19.72 -13.22 0.25
C SER A 195 -20.44 -14.56 0.12
N HIS A 196 -21.71 -14.65 0.52
CA HIS A 196 -22.37 -15.96 0.77
C HIS A 196 -23.75 -16.08 0.12
N SER A 197 -24.21 -15.05 -0.58
CA SER A 197 -25.56 -15.08 -1.18
C SER A 197 -25.43 -15.06 -2.70
N GLU A 198 -26.50 -15.39 -3.41
CA GLU A 198 -26.56 -15.27 -4.89
C GLU A 198 -26.42 -13.79 -5.23
N LYS A 199 -25.70 -13.50 -6.30
CA LYS A 199 -25.63 -12.13 -6.85
C LYS A 199 -27.04 -11.68 -7.23
N GLY A 200 -27.31 -10.38 -7.14
CA GLY A 200 -28.64 -9.80 -7.41
C GLY A 200 -28.54 -8.33 -7.73
N ASP A 201 -29.67 -7.63 -7.68
CA ASP A 201 -29.74 -6.20 -8.07
C ASP A 201 -29.53 -5.36 -6.81
N ALA A 202 -29.60 -4.03 -6.95
CA ALA A 202 -29.44 -3.04 -5.86
C ALA A 202 -30.36 -3.34 -4.67
N SER A 203 -31.48 -4.05 -4.87
CA SER A 203 -32.45 -4.28 -3.77
C SER A 203 -31.82 -5.14 -2.67
N LEU A 204 -30.71 -5.84 -2.94
CA LEU A 204 -30.01 -6.64 -1.90
C LEU A 204 -29.52 -5.72 -0.78
N MET A 205 -29.25 -4.45 -1.09
CA MET A 205 -28.88 -3.47 -0.05
C MET A 205 -30.08 -3.19 0.86
N LYS A 206 -31.28 -3.08 0.28
CA LYS A 206 -32.53 -2.85 1.06
C LYS A 206 -32.83 -4.10 1.87
N ARG A 207 -32.68 -5.30 1.27
CA ARG A 207 -32.91 -6.58 2.00
C ARG A 207 -31.98 -6.63 3.22
N THR A 208 -30.72 -6.23 3.05
CA THR A 208 -29.71 -6.22 4.14
C THR A 208 -30.15 -5.27 5.25
N TRP A 209 -30.62 -4.07 4.87
CA TRP A 209 -31.17 -3.08 5.85
C TRP A 209 -32.26 -3.76 6.67
N GLU A 210 -33.19 -4.46 6.00
CA GLU A 210 -34.34 -5.13 6.67
C GLU A 210 -33.83 -6.23 7.61
N GLN A 211 -32.87 -7.05 7.16
CA GLN A 211 -32.35 -8.19 7.94
C GLN A 211 -31.59 -7.66 9.16
N ALA A 212 -30.87 -6.57 8.99
CA ALA A 212 -30.12 -5.92 10.10
C ALA A 212 -31.11 -5.47 11.18
N LEU A 213 -32.18 -4.78 10.79
CA LEU A 213 -33.22 -4.31 11.75
C LEU A 213 -33.85 -5.50 12.48
N LYS A 214 -34.22 -6.53 11.71
CA LYS A 214 -34.85 -7.77 12.22
C LYS A 214 -33.91 -8.41 13.25
N GLY A 215 -32.63 -8.55 12.92
CA GLY A 215 -31.62 -9.14 13.80
C GLY A 215 -31.39 -8.31 15.05
N LEU A 216 -31.39 -6.98 14.91
CA LEU A 216 -31.26 -6.06 16.07
C LEU A 216 -32.43 -6.30 17.01
N LYS A 217 -33.66 -6.32 16.47
CA LYS A 217 -34.89 -6.54 17.27
C LYS A 217 -34.87 -7.98 17.86
N GLU A 218 -33.73 -8.43 18.41
N GLU A 218 -33.75 -8.36 18.49
CA GLU A 218 -33.53 -9.77 19.02
CA GLU A 218 -33.42 -9.71 19.02
C GLU A 218 -34.46 -10.80 18.36
C GLU A 218 -34.26 -10.78 18.29
N LEU B 3 14.79 28.47 -6.78
CA LEU B 3 15.13 29.08 -8.13
C LEU B 3 14.88 28.10 -9.30
N PRO B 4 15.83 27.33 -9.89
CA PRO B 4 15.53 26.54 -11.10
C PRO B 4 14.47 25.45 -10.89
N ASP B 5 13.84 25.04 -12.00
CA ASP B 5 12.88 23.91 -12.03
C ASP B 5 13.61 22.61 -11.69
N LEU B 6 12.84 21.61 -11.25
CA LEU B 6 13.32 20.22 -11.04
C LEU B 6 14.12 19.79 -12.27
N LYS B 7 15.26 19.15 -12.03
CA LYS B 7 16.11 18.55 -13.07
C LYS B 7 15.93 17.04 -13.08
N ILE B 8 15.99 16.41 -14.25
CA ILE B 8 15.93 14.93 -14.37
C ILE B 8 17.14 14.52 -15.19
N GLU B 9 17.88 13.52 -14.71
CA GLU B 9 19.13 13.06 -15.34
C GLU B 9 19.13 11.53 -15.31
N LYS B 10 19.35 10.89 -16.46
CA LYS B 10 19.44 9.41 -16.56
C LYS B 10 20.76 8.98 -15.93
N LEU B 11 20.73 8.00 -15.02
CA LEU B 11 21.96 7.39 -14.46
C LEU B 11 22.37 6.21 -15.32
N GLU B 12 21.39 5.40 -15.69
CA GLU B 12 21.59 4.24 -16.59
C GLU B 12 20.20 3.72 -16.97
N GLU B 13 20.15 2.61 -17.71
CA GLU B 13 18.87 2.02 -18.17
C GLU B 13 17.95 1.85 -16.96
N GLY B 14 16.85 2.61 -16.95
CA GLY B 14 15.73 2.45 -16.00
C GLY B 14 15.94 3.20 -14.68
N VAL B 15 16.98 4.02 -14.54
CA VAL B 15 17.24 4.78 -13.29
C VAL B 15 17.57 6.23 -13.61
N PHE B 16 16.79 7.14 -13.03
CA PHE B 16 16.89 8.60 -13.19
C PHE B 16 17.09 9.21 -11.81
N VAL B 17 17.88 10.27 -11.77
CA VAL B 17 17.97 11.17 -10.59
C VAL B 17 17.09 12.37 -10.86
N HIS B 18 16.24 12.70 -9.90
CA HIS B 18 15.52 13.99 -9.89
C HIS B 18 16.15 14.87 -8.81
N THR B 19 16.43 16.11 -9.18
CA THR B 19 17.05 17.08 -8.25
C THR B 19 16.12 18.28 -8.16
N SER B 20 15.74 18.65 -6.94
CA SER B 20 14.92 19.86 -6.69
C SER B 20 15.61 20.77 -5.68
N PHE B 21 15.25 22.03 -5.73
CA PHE B 21 15.91 23.11 -4.95
C PHE B 21 14.83 23.85 -4.18
N GLU B 22 15.07 24.11 -2.90
CA GLU B 22 14.11 24.88 -2.04
C GLU B 22 14.89 25.67 -0.99
N GLU B 23 14.54 26.94 -0.81
CA GLU B 23 15.06 27.74 0.31
C GLU B 23 14.37 27.26 1.59
N VAL B 24 15.16 26.92 2.60
CA VAL B 24 14.71 26.29 3.87
C VAL B 24 15.26 27.17 4.98
N ASN B 25 14.44 27.95 5.68
CA ASN B 25 14.95 28.88 6.73
C ASN B 25 16.15 28.22 7.42
N GLY B 26 17.29 28.93 7.50
CA GLY B 26 18.50 28.48 8.22
C GLY B 26 19.56 27.85 7.33
N TRP B 27 19.18 27.24 6.20
CA TRP B 27 20.09 26.35 5.42
C TRP B 27 20.31 26.92 4.02
N GLY B 28 19.71 28.07 3.71
CA GLY B 28 19.74 28.63 2.35
C GLY B 28 19.03 27.70 1.39
N VAL B 29 19.43 27.71 0.13
CA VAL B 29 18.81 26.82 -0.90
C VAL B 29 19.38 25.42 -0.68
N VAL B 30 18.49 24.46 -0.44
CA VAL B 30 18.83 23.02 -0.27
C VAL B 30 18.67 22.35 -1.64
N THR B 31 19.68 21.58 -2.02
CA THR B 31 19.65 20.69 -3.20
C THR B 31 19.23 19.31 -2.71
N LYS B 32 18.16 18.74 -3.25
CA LYS B 32 17.64 17.40 -2.84
C LYS B 32 17.60 16.46 -4.05
N HIS B 33 18.27 15.32 -3.95
CA HIS B 33 18.22 14.23 -4.96
C HIS B 33 17.21 13.16 -4.54
N GLY B 34 16.40 12.71 -5.48
CA GLY B 34 15.63 11.44 -5.40
C GLY B 34 15.90 10.61 -6.64
N LEU B 35 15.22 9.47 -6.78
CA LEU B 35 15.31 8.64 -8.01
C LEU B 35 13.93 8.49 -8.66
N VAL B 36 13.93 8.14 -9.93
CA VAL B 36 12.80 7.45 -10.60
C VAL B 36 13.32 6.13 -11.15
N VAL B 37 12.61 5.06 -10.82
CA VAL B 37 13.01 3.70 -11.24
C VAL B 37 11.91 3.17 -12.17
N LEU B 38 12.30 2.67 -13.33
CA LEU B 38 11.37 2.05 -14.30
C LEU B 38 11.38 0.55 -14.10
N VAL B 39 10.21 -0.06 -13.99
CA VAL B 39 10.01 -1.51 -14.15
C VAL B 39 9.11 -1.69 -15.37
N ASN B 40 9.68 -2.16 -16.48
CA ASN B 40 8.99 -2.21 -17.80
C ASN B 40 8.44 -0.80 -18.08
N THR B 41 7.12 -0.65 -18.25
CA THR B 41 6.47 0.65 -18.56
C THR B 41 5.88 1.29 -17.29
N ASP B 42 6.22 0.78 -16.10
CA ASP B 42 5.83 1.36 -14.79
C ASP B 42 6.98 2.19 -14.22
N ALA B 43 6.67 3.34 -13.60
CA ALA B 43 7.66 4.26 -12.98
C ALA B 43 7.39 4.38 -11.48
N TYR B 44 8.45 4.38 -10.66
CA TYR B 44 8.35 4.52 -9.20
C TYR B 44 9.20 5.71 -8.75
N LEU B 45 8.62 6.59 -7.94
CA LEU B 45 9.32 7.77 -7.38
C LEU B 45 9.95 7.36 -6.05
N ILE B 46 11.27 7.51 -5.95
CA ILE B 46 12.04 7.28 -4.70
C ILE B 46 12.28 8.67 -4.09
N ASP B 47 11.48 8.99 -3.09
CA ASP B 47 11.30 10.35 -2.50
C ASP B 47 10.56 11.25 -3.50
N THR B 48 9.75 12.15 -2.95
CA THR B 48 9.10 13.25 -3.70
C THR B 48 10.03 14.46 -3.61
N PRO B 49 10.06 15.30 -4.65
CA PRO B 49 10.64 16.63 -4.53
C PRO B 49 9.93 17.43 -3.43
N PHE B 50 10.48 18.59 -3.12
CA PHE B 50 10.02 19.49 -2.03
C PHE B 50 8.56 19.92 -2.21
N THR B 51 8.12 20.18 -3.45
CA THR B 51 6.87 20.92 -3.74
C THR B 51 5.91 20.09 -4.61
N ALA B 52 4.62 20.39 -4.49
CA ALA B 52 3.57 19.94 -5.45
C ALA B 52 4.03 20.25 -6.88
N THR B 53 4.50 21.48 -7.12
CA THR B 53 4.91 21.97 -8.47
C THR B 53 5.98 21.05 -9.05
N ASP B 54 7.05 20.81 -8.32
CA ASP B 54 8.17 19.97 -8.84
C ASP B 54 7.69 18.53 -8.98
N THR B 55 6.84 18.04 -8.08
CA THR B 55 6.31 16.65 -8.14
C THR B 55 5.48 16.49 -9.40
N GLU B 56 4.66 17.49 -9.73
CA GLU B 56 3.81 17.49 -10.95
C GLU B 56 4.71 17.46 -12.19
N LYS B 57 5.74 18.31 -12.24
CA LYS B 57 6.70 18.38 -13.36
C LYS B 57 7.33 16.99 -13.53
N LEU B 58 7.73 16.36 -12.43
CA LEU B 58 8.40 15.04 -12.46
C LEU B 58 7.45 13.97 -13.01
N VAL B 59 6.24 13.88 -12.46
CA VAL B 59 5.22 12.89 -12.91
C VAL B 59 4.93 13.13 -14.40
N ASN B 60 4.65 14.38 -14.78
CA ASN B 60 4.26 14.72 -16.18
C ASN B 60 5.38 14.32 -17.13
N TRP B 61 6.64 14.46 -16.73
CA TRP B 61 7.79 14.17 -17.62
C TRP B 61 7.79 12.69 -18.00
N PHE B 62 7.48 11.79 -17.06
CA PHE B 62 7.48 10.32 -17.28
C PHE B 62 6.18 9.91 -17.97
N VAL B 63 5.06 10.57 -17.62
CA VAL B 63 3.74 10.28 -18.24
C VAL B 63 3.83 10.59 -19.74
N GLU B 64 4.38 11.76 -20.10
CA GLU B 64 4.55 12.21 -21.50
C GLU B 64 5.46 11.22 -22.26
N ARG B 65 6.37 10.51 -21.57
CA ARG B 65 7.32 9.54 -22.18
C ARG B 65 6.71 8.14 -22.25
N GLY B 66 5.45 7.98 -21.81
CA GLY B 66 4.69 6.74 -22.01
C GLY B 66 4.64 5.85 -20.77
N TYR B 67 5.10 6.33 -19.61
CA TYR B 67 5.17 5.54 -18.35
C TYR B 67 3.92 5.80 -17.49
N GLU B 68 3.46 4.76 -16.79
CA GLU B 68 2.45 4.85 -15.70
C GLU B 68 3.21 5.05 -14.38
N ILE B 69 2.83 6.03 -13.56
CA ILE B 69 3.45 6.20 -12.20
C ILE B 69 2.74 5.24 -11.25
N LYS B 70 3.36 4.10 -10.92
CA LYS B 70 2.72 3.03 -10.11
C LYS B 70 2.82 3.30 -8.62
N GLY B 71 3.75 4.12 -8.14
CA GLY B 71 3.97 4.23 -6.69
C GLY B 71 5.10 5.17 -6.34
N THR B 72 5.04 5.73 -5.15
CA THR B 72 6.10 6.56 -4.55
C THR B 72 6.42 6.00 -3.16
N ILE B 73 7.67 6.13 -2.75
CA ILE B 73 8.13 5.73 -1.40
C ILE B 73 8.89 6.96 -0.86
N SER B 74 8.55 7.37 0.35
CA SER B 74 9.26 8.45 1.08
C SER B 74 10.24 7.81 2.07
N SER B 75 11.50 8.22 2.02
CA SER B 75 12.59 7.59 2.81
C SER B 75 12.48 8.03 4.27
N HIS B 76 11.82 9.16 4.54
CA HIS B 76 11.57 9.65 5.92
C HIS B 76 10.57 10.80 5.92
N PHE B 77 10.21 11.30 7.10
CA PHE B 77 9.01 12.16 7.28
C PHE B 77 9.28 13.61 6.88
N HIS B 78 10.54 14.06 6.81
CA HIS B 78 10.87 15.48 6.51
C HIS B 78 10.39 15.87 5.10
N SER B 79 10.25 17.18 4.86
CA SER B 79 9.58 17.73 3.65
C SER B 79 10.41 17.47 2.39
N ASP B 80 11.73 17.31 2.50
CA ASP B 80 12.55 17.03 1.28
C ASP B 80 12.24 15.61 0.75
N SER B 81 11.56 14.73 1.49
CA SER B 81 11.20 13.36 1.02
C SER B 81 9.69 13.20 0.77
N THR B 82 8.87 14.08 1.34
CA THR B 82 7.39 13.90 1.46
C THR B 82 6.60 15.07 0.89
N GLY B 83 7.26 16.16 0.46
CA GLY B 83 6.58 17.41 0.08
C GLY B 83 5.53 17.21 -1.00
N GLY B 84 5.74 16.23 -1.88
CA GLY B 84 4.81 15.91 -2.99
C GLY B 84 3.65 15.00 -2.62
N ILE B 85 3.61 14.44 -1.40
CA ILE B 85 2.62 13.36 -1.07
C ILE B 85 1.20 13.90 -1.28
N GLU B 86 0.87 15.08 -0.75
CA GLU B 86 -0.50 15.64 -0.85
C GLU B 86 -0.93 15.70 -2.31
N TRP B 87 -0.09 16.23 -3.19
CA TRP B 87 -0.44 16.33 -4.63
C TRP B 87 -0.62 14.93 -5.24
N LEU B 88 0.30 13.99 -4.98
CA LEU B 88 0.20 12.61 -5.53
C LEU B 88 -1.11 11.96 -5.08
N ASN B 89 -1.49 12.16 -3.81
CA ASN B 89 -2.74 11.60 -3.23
C ASN B 89 -3.93 12.13 -4.02
N SER B 90 -3.94 13.43 -4.34
CA SER B 90 -5.05 14.11 -5.05
C SER B 90 -5.16 13.54 -6.47
N GLN B 91 -4.09 12.97 -6.99
CA GLN B 91 -4.07 12.37 -8.35
C GLN B 91 -4.30 10.86 -8.28
N SER B 92 -4.52 10.30 -7.08
CA SER B 92 -4.68 8.84 -6.85
C SER B 92 -3.44 8.09 -7.37
N ILE B 93 -2.25 8.64 -7.18
CA ILE B 93 -0.97 7.92 -7.40
C ILE B 93 -0.58 7.37 -6.04
N PRO B 94 -0.49 6.03 -5.89
CA PRO B 94 -0.25 5.40 -4.59
C PRO B 94 1.03 5.95 -3.96
N THR B 95 0.93 6.48 -2.74
CA THR B 95 2.06 6.92 -1.90
C THR B 95 2.27 5.91 -0.77
N TYR B 96 3.55 5.60 -0.49
CA TYR B 96 3.98 4.63 0.54
C TYR B 96 4.94 5.32 1.51
N ALA B 97 4.80 4.97 2.78
CA ALA B 97 5.75 5.34 3.85
C ALA B 97 5.66 4.27 4.93
N SER B 98 6.68 4.13 5.78
CA SER B 98 6.63 3.21 6.92
C SER B 98 5.51 3.69 7.86
N GLU B 99 4.99 2.81 8.70
CA GLU B 99 3.98 3.17 9.73
C GLU B 99 4.55 4.28 10.60
N LEU B 100 5.82 4.14 10.98
CA LEU B 100 6.50 5.11 11.85
C LEU B 100 6.52 6.47 11.13
N THR B 101 6.92 6.49 9.86
CA THR B 101 6.98 7.74 9.05
C THR B 101 5.60 8.38 9.02
N ASN B 102 4.57 7.58 8.75
CA ASN B 102 3.21 8.15 8.64
C ASN B 102 2.78 8.74 9.97
N GLU B 103 3.17 8.13 11.09
CA GLU B 103 2.76 8.61 12.44
C GLU B 103 3.55 9.87 12.77
N LEU B 104 4.80 9.96 12.30
CA LEU B 104 5.62 11.19 12.48
C LEU B 104 5.04 12.33 11.65
N LEU B 105 4.57 12.05 10.44
CA LEU B 105 3.88 13.04 9.58
C LEU B 105 2.63 13.53 10.31
N LYS B 106 1.79 12.61 10.78
CA LYS B 106 0.53 12.92 11.52
C LYS B 106 0.86 13.85 12.68
N LYS B 107 1.81 13.44 13.52
CA LYS B 107 2.25 14.16 14.76
C LYS B 107 2.73 15.58 14.39
N SER B 108 3.22 15.78 13.17
CA SER B 108 3.75 17.07 12.66
C SER B 108 2.67 17.84 11.88
N GLY B 109 1.43 17.32 11.88
CA GLY B 109 0.29 17.92 11.18
C GLY B 109 0.47 17.97 9.68
N LYS B 110 1.15 16.99 9.10
CA LYS B 110 1.38 16.89 7.63
C LYS B 110 0.51 15.79 7.05
N VAL B 111 0.26 15.85 5.76
CA VAL B 111 -0.50 14.82 5.01
C VAL B 111 0.30 13.50 4.99
N GLN B 112 -0.40 12.39 5.20
CA GLN B 112 0.21 11.04 5.27
C GLN B 112 0.23 10.39 3.89
N ALA B 113 1.16 9.46 3.68
CA ALA B 113 1.11 8.52 2.54
C ALA B 113 -0.16 7.67 2.70
N LYS B 114 -0.77 7.26 1.60
CA LYS B 114 -2.04 6.49 1.64
C LYS B 114 -1.76 5.09 2.17
N TYR B 115 -0.61 4.49 1.86
CA TYR B 115 -0.25 3.11 2.25
C TYR B 115 0.96 3.12 3.19
N SER B 116 0.93 2.30 4.24
CA SER B 116 2.10 2.13 5.15
C SER B 116 2.46 0.64 5.33
N PHE B 117 3.65 0.36 5.85
CA PHE B 117 4.22 -1.01 6.00
C PHE B 117 5.15 -0.96 7.22
N SER B 118 5.40 -2.09 7.87
CA SER B 118 6.24 -2.15 9.10
C SER B 118 7.47 -3.05 8.90
N GLU B 119 7.64 -3.72 7.74
CA GLU B 119 8.74 -4.68 7.52
C GLU B 119 10.08 -3.95 7.44
N VAL B 120 11.13 -4.52 8.04
CA VAL B 120 12.53 -3.98 8.03
C VAL B 120 13.12 -4.10 6.62
N SER B 121 12.99 -5.26 5.98
CA SER B 121 13.30 -5.51 4.54
C SER B 121 11.99 -5.75 3.81
N TYR B 122 11.62 -4.90 2.88
CA TYR B 122 10.47 -5.31 2.06
C TYR B 122 10.65 -4.86 0.62
N TRP B 123 10.15 -5.74 -0.22
CA TRP B 123 10.11 -5.53 -1.68
C TRP B 123 8.94 -4.59 -2.03
N LEU B 124 9.23 -3.35 -2.42
CA LEU B 124 8.19 -2.45 -3.02
C LEU B 124 7.80 -3.06 -4.36
N VAL B 125 8.81 -3.49 -5.13
CA VAL B 125 8.68 -4.30 -6.38
C VAL B 125 9.65 -5.49 -6.32
N LYS B 126 9.11 -6.71 -6.36
CA LYS B 126 9.87 -7.97 -6.11
C LYS B 126 11.06 -8.03 -7.09
N ASN B 127 12.26 -8.28 -6.55
CA ASN B 127 13.55 -8.41 -7.27
C ASN B 127 13.99 -7.11 -7.95
N LYS B 128 13.29 -5.99 -7.77
CA LYS B 128 13.63 -4.72 -8.48
C LYS B 128 13.87 -3.57 -7.50
N ILE B 129 13.04 -3.41 -6.47
CA ILE B 129 13.11 -2.27 -5.51
C ILE B 129 12.89 -2.81 -4.11
N GLU B 130 13.97 -2.82 -3.32
CA GLU B 130 13.96 -3.24 -1.90
C GLU B 130 14.03 -2.00 -1.01
N VAL B 131 13.19 -1.96 0.05
CA VAL B 131 13.14 -0.87 1.06
C VAL B 131 13.73 -1.48 2.34
N PHE B 132 14.72 -0.81 2.93
CA PHE B 132 15.48 -1.36 4.08
C PHE B 132 15.61 -0.30 5.16
N TYR B 133 15.36 -0.70 6.39
CA TYR B 133 15.54 0.13 7.60
C TYR B 133 16.86 -0.26 8.24
N PRO B 134 17.94 0.55 8.14
CA PRO B 134 19.20 0.19 8.78
C PRO B 134 19.20 0.48 10.28
N GLY B 135 18.22 1.26 10.74
CA GLY B 135 18.17 1.79 12.11
C GLY B 135 18.21 3.32 12.10
N PRO B 136 17.96 3.95 13.25
CA PRO B 136 17.93 5.41 13.35
C PRO B 136 19.27 6.04 12.99
N GLY B 137 19.20 7.26 12.44
CA GLY B 137 20.38 8.10 12.20
C GLY B 137 19.97 9.54 12.08
N HIS B 138 19.87 10.01 10.84
CA HIS B 138 19.31 11.33 10.49
C HIS B 138 17.95 11.52 11.18
N THR B 139 17.12 10.48 11.14
CA THR B 139 15.84 10.41 11.88
C THR B 139 15.65 8.99 12.41
N GLN B 140 14.65 8.84 13.28
CA GLN B 140 14.24 7.54 13.86
C GLN B 140 13.77 6.61 12.73
N ASP B 141 13.20 7.19 11.66
CA ASP B 141 12.38 6.47 10.65
C ASP B 141 13.15 6.24 9.33
N ASN B 142 14.37 6.79 9.18
CA ASN B 142 15.09 6.86 7.87
C ASN B 142 15.16 5.47 7.23
N LEU B 143 14.85 5.39 5.93
CA LEU B 143 14.92 4.17 5.08
C LEU B 143 15.91 4.41 3.94
N VAL B 144 16.42 3.32 3.40
CA VAL B 144 17.22 3.32 2.15
C VAL B 144 16.49 2.45 1.14
N VAL B 145 16.82 2.67 -0.12
CA VAL B 145 16.21 1.87 -1.21
C VAL B 145 17.32 1.26 -2.06
N TRP B 146 17.24 -0.05 -2.27
CA TRP B 146 18.24 -0.85 -2.99
C TRP B 146 17.65 -1.32 -4.30
N LEU B 147 18.41 -1.17 -5.39
CA LEU B 147 18.05 -1.63 -6.75
C LEU B 147 19.00 -2.78 -7.13
N PRO B 148 18.58 -4.03 -6.90
CA PRO B 148 19.47 -5.19 -7.05
C PRO B 148 20.07 -5.34 -8.44
N GLU B 149 19.33 -4.98 -9.49
CA GLU B 149 19.78 -5.21 -10.90
C GLU B 149 20.92 -4.23 -11.19
N SER B 150 20.78 -2.98 -10.82
CA SER B 150 21.78 -1.91 -11.11
C SER B 150 22.85 -1.85 -10.01
N LYS B 151 22.61 -2.47 -8.85
CA LYS B 151 23.47 -2.33 -7.64
C LYS B 151 23.58 -0.86 -7.23
N ILE B 152 22.49 -0.10 -7.36
CA ILE B 152 22.43 1.30 -6.88
C ILE B 152 21.71 1.33 -5.52
N LEU B 153 22.31 2.02 -4.56
CA LEU B 153 21.70 2.30 -3.25
C LEU B 153 21.30 3.78 -3.17
N PHE B 154 20.02 4.05 -2.91
CA PHE B 154 19.52 5.39 -2.53
C PHE B 154 19.53 5.51 -1.01
N GLY B 155 20.41 6.34 -0.45
CA GLY B 155 20.63 6.45 1.00
C GLY B 155 19.83 7.56 1.64
N GLY B 156 19.16 8.41 0.85
CA GLY B 156 18.41 9.57 1.35
C GLY B 156 19.24 10.46 2.26
N CYS B 157 18.66 10.95 3.36
CA CYS B 157 19.33 11.91 4.28
C CYS B 157 20.17 11.17 5.32
N PHE B 158 20.18 9.84 5.26
CA PHE B 158 20.99 8.99 6.16
C PHE B 158 22.46 9.04 5.72
N ILE B 159 22.73 9.10 4.42
CA ILE B 159 24.11 9.14 3.87
C ILE B 159 24.61 10.58 3.94
N LYS B 160 25.67 10.80 4.72
CA LYS B 160 26.18 12.15 5.11
C LYS B 160 27.70 12.11 5.18
N PRO B 161 28.39 12.15 4.02
CA PRO B 161 29.84 11.99 3.98
C PRO B 161 30.66 13.21 4.47
N HIS B 162 30.01 14.37 4.57
CA HIS B 162 30.66 15.70 4.77
C HIS B 162 29.79 16.58 5.68
N GLY B 163 29.53 16.20 6.93
CA GLY B 163 28.63 16.98 7.80
C GLY B 163 27.23 16.37 7.81
N LEU B 164 26.64 16.26 8.99
CA LEU B 164 25.40 15.48 9.23
C LEU B 164 24.16 16.29 8.87
N GLY B 165 24.30 17.62 8.72
CA GLY B 165 23.19 18.53 8.39
C GLY B 165 22.26 18.72 9.57
N ASN B 166 20.94 18.65 9.34
CA ASN B 166 19.88 19.08 10.29
C ASN B 166 20.23 18.73 11.75
N LEU B 167 20.05 17.51 12.28
CA LEU B 167 20.31 17.04 13.69
C LEU B 167 19.07 17.23 14.59
N GLY B 168 18.11 18.10 14.23
CA GLY B 168 16.90 18.37 15.04
C GLY B 168 16.21 17.09 15.48
N ASP B 169 16.14 16.09 14.59
CA ASP B 169 15.37 14.84 14.81
C ASP B 169 16.30 13.63 14.75
N ALA B 170 17.61 13.86 14.87
CA ALA B 170 18.64 12.82 14.68
C ALA B 170 18.81 12.00 15.95
N ASN B 171 19.29 10.77 15.78
CA ASN B 171 19.63 9.81 16.85
C ASN B 171 21.13 9.53 16.73
N LEU B 172 21.94 10.43 17.28
CA LEU B 172 23.43 10.37 17.20
C LEU B 172 23.93 9.06 17.81
N GLU B 173 23.34 8.65 18.94
CA GLU B 173 23.74 7.39 19.63
C GLU B 173 23.62 6.20 18.67
N ALA B 174 22.53 6.12 17.90
CA ALA B 174 22.20 4.95 17.04
C ALA B 174 22.94 5.02 15.71
N TRP B 175 23.25 6.23 15.23
CA TRP B 175 23.63 6.46 13.80
C TRP B 175 24.85 5.64 13.43
N PRO B 176 25.93 5.61 14.25
CA PRO B 176 27.10 4.78 13.92
C PRO B 176 26.72 3.30 13.73
N LYS B 177 25.89 2.76 14.63
CA LYS B 177 25.46 1.34 14.60
C LYS B 177 24.65 1.12 13.31
N SER B 178 23.71 2.02 13.03
CA SER B 178 22.86 1.96 11.82
C SER B 178 23.76 2.01 10.57
N ALA B 179 24.81 2.84 10.57
CA ALA B 179 25.73 3.00 9.43
C ALA B 179 26.51 1.69 9.20
N LYS B 180 26.91 1.02 10.27
CA LYS B 180 27.60 -0.28 10.19
C LYS B 180 26.65 -1.32 9.62
N ILE B 181 25.41 -1.35 10.09
CA ILE B 181 24.40 -2.30 9.58
C ILE B 181 24.28 -2.10 8.07
N LEU B 182 24.19 -0.84 7.62
CA LEU B 182 24.03 -0.50 6.17
C LEU B 182 25.25 -1.00 5.39
N MET B 183 26.46 -0.69 5.88
CA MET B 183 27.73 -1.11 5.24
C MET B 183 27.74 -2.63 5.09
N SER B 184 27.37 -3.35 6.15
CA SER B 184 27.33 -4.84 6.16
C SER B 184 26.38 -5.34 5.08
N LYS B 185 25.21 -4.72 4.93
CA LYS B 185 24.19 -5.25 4.01
C LYS B 185 24.54 -4.91 2.55
N TYR B 186 25.06 -3.71 2.27
CA TYR B 186 25.13 -3.17 0.87
C TYR B 186 26.56 -2.81 0.43
N GLY B 187 27.58 -3.46 1.00
CA GLY B 187 28.98 -3.39 0.51
C GLY B 187 29.09 -3.54 -0.99
N LYS B 188 28.19 -4.34 -1.61
CA LYS B 188 28.16 -4.63 -3.07
C LYS B 188 27.55 -3.48 -3.88
N ALA B 189 27.15 -2.34 -3.28
CA ALA B 189 26.65 -1.17 -4.02
C ALA B 189 27.77 -0.64 -4.91
N LYS B 190 27.52 -0.45 -6.20
CA LYS B 190 28.51 0.16 -7.11
C LYS B 190 28.31 1.67 -7.11
N LEU B 191 27.16 2.14 -6.63
CA LEU B 191 26.82 3.58 -6.59
C LEU B 191 25.91 3.85 -5.40
N VAL B 192 26.21 4.92 -4.68
CA VAL B 192 25.39 5.41 -3.54
C VAL B 192 24.91 6.80 -3.92
N VAL B 193 23.59 6.94 -4.06
CA VAL B 193 22.94 8.25 -4.26
C VAL B 193 22.41 8.71 -2.92
N SER B 194 22.77 9.91 -2.49
CA SER B 194 22.30 10.48 -1.21
C SER B 194 21.40 11.65 -1.53
N SER B 195 20.73 12.18 -0.51
CA SER B 195 19.83 13.34 -0.63
C SER B 195 20.59 14.61 -1.08
N HIS B 196 21.77 14.87 -0.50
CA HIS B 196 22.39 16.23 -0.53
C HIS B 196 23.87 16.20 -0.91
N SER B 197 24.42 15.02 -1.19
CA SER B 197 25.86 14.91 -1.52
C SER B 197 26.01 14.41 -2.95
N GLU B 198 27.21 14.56 -3.51
CA GLU B 198 27.60 14.01 -4.83
C GLU B 198 27.39 12.50 -4.76
N LYS B 199 26.90 11.88 -5.83
CA LYS B 199 26.83 10.39 -5.93
C LYS B 199 28.26 9.88 -5.91
N GLY B 200 28.46 8.70 -5.35
CA GLY B 200 29.81 8.13 -5.14
C GLY B 200 29.77 6.63 -5.01
N ASP B 201 30.87 6.03 -4.56
CA ASP B 201 31.00 4.56 -4.45
C ASP B 201 30.55 4.14 -3.05
N ALA B 202 30.61 2.85 -2.77
CA ALA B 202 30.26 2.25 -1.46
C ALA B 202 30.97 2.95 -0.28
N SER B 203 32.10 3.62 -0.50
CA SER B 203 32.87 4.23 0.61
C SER B 203 32.06 5.33 1.28
N LEU B 204 31.03 5.87 0.60
CA LEU B 204 30.17 6.93 1.21
C LEU B 204 29.48 6.38 2.47
N MET B 205 29.22 5.07 2.52
CA MET B 205 28.66 4.44 3.74
C MET B 205 29.70 4.52 4.88
N LYS B 206 30.98 4.26 4.58
CA LYS B 206 32.05 4.32 5.61
C LYS B 206 32.25 5.78 6.01
N ARG B 207 32.24 6.72 5.07
CA ARG B 207 32.36 8.17 5.38
C ARG B 207 31.24 8.56 6.35
N THR B 208 30.01 8.08 6.10
CA THR B 208 28.82 8.37 6.95
C THR B 208 29.06 7.84 8.37
N TRP B 209 29.56 6.61 8.47
CA TRP B 209 29.92 5.99 9.77
C TRP B 209 30.87 6.93 10.52
N GLU B 210 31.91 7.42 9.84
CA GLU B 210 32.95 8.30 10.45
C GLU B 210 32.30 9.62 10.90
N GLN B 211 31.45 10.20 10.07
CA GLN B 211 30.81 11.51 10.36
C GLN B 211 29.85 11.36 11.54
N ALA B 212 29.13 10.24 11.59
CA ALA B 212 28.20 9.93 12.68
C ALA B 212 28.96 9.87 14.01
N LEU B 213 30.08 9.14 14.04
CA LEU B 213 30.91 9.00 15.27
C LEU B 213 31.44 10.36 15.69
N LYS B 214 31.97 11.11 14.73
CA LYS B 214 32.52 12.46 14.96
C LYS B 214 31.42 13.34 15.58
N GLY B 215 30.22 13.33 14.99
CA GLY B 215 29.07 14.13 15.46
C GLY B 215 28.62 13.70 16.84
N LEU B 216 28.58 12.39 17.11
CA LEU B 216 28.23 11.87 18.45
C LEU B 216 29.24 12.43 19.46
N LYS B 217 30.55 12.29 19.18
CA LYS B 217 31.62 12.76 20.09
C LYS B 217 31.45 14.28 20.32
N GLU B 218 31.10 15.02 19.26
CA GLU B 218 30.66 16.45 19.20
C GLU B 218 31.88 17.36 19.17
ZN ZN C . -16.78 -12.22 8.84
ZN ZN D . -18.39 -14.51 5.73
C1 EDO E . 4.06 -10.28 -8.92
O1 EDO E . 4.68 -10.03 -7.68
C2 EDO E . 3.77 -11.72 -9.21
O2 EDO E . 2.54 -11.97 -9.86
C1 EDO F . -3.52 -27.09 -14.27
O1 EDO F . -4.40 -26.13 -14.79
C2 EDO F . -3.94 -27.65 -12.95
O2 EDO F . -4.92 -26.88 -12.28
C1 EDO G . -11.01 1.90 9.21
O1 EDO G . -9.59 1.92 9.08
C2 EDO G . -11.75 1.62 7.94
O2 EDO G . -12.52 0.43 7.95
C1 EDO H . 2.28 -6.71 -16.20
O1 EDO H . 3.65 -6.44 -16.11
C2 EDO H . 2.02 -8.13 -16.56
O2 EDO H . 0.68 -8.39 -16.90
C1 EDO I . -21.75 13.68 -0.34
O1 EDO I . -21.30 13.12 0.90
C2 EDO I . -22.94 13.01 -0.93
O2 EDO I . -22.67 12.16 -2.03
C1 EDO J . -22.40 -16.16 -7.43
O1 EDO J . -23.19 -15.48 -6.48
C2 EDO J . -23.15 -17.19 -8.21
O2 EDO J . -22.46 -17.70 -9.34
C1 EDO K . -15.27 5.34 -15.01
O1 EDO K . -13.97 5.30 -14.47
C2 EDO K . -16.16 6.28 -14.31
O2 EDO K . -17.52 5.89 -14.35
C1 KQ8 L . -24.07 -18.48 4.65
C2 KQ8 L . -23.06 -18.92 5.70
C3 KQ8 L . -23.84 -16.69 6.24
C4 KQ8 L . -22.58 -17.57 6.24
C5 KQ8 L . -20.44 -16.79 8.04
C6 KQ8 L . -20.15 -15.45 8.05
C9 KQ8 L . -16.81 -16.12 8.97
C11 KQ8 L . -16.47 -18.10 7.42
C14 KQ8 L . -19.32 -18.77 9.16
C13 KQ8 L . -19.14 -17.49 8.34
C12 KQ8 L . -16.66 -14.85 8.17
N KQ8 L . -23.68 -22.53 2.09
C KQ8 L . -25.08 -19.57 4.21
O KQ8 L . -20.72 -14.12 6.25
C10 KQ8 L . -15.84 -17.19 8.45
C7 KQ8 L . -20.87 -14.34 7.43
C8 KQ8 L . -18.34 -16.39 9.07
N1 KQ8 L . -24.58 -20.25 3.02
N2 KQ8 L . -24.77 -17.39 5.36
N3 KQ8 L . -18.97 -15.19 8.57
O1 KQ8 L . -21.53 -13.56 8.22
O2 KQ8 L . -14.68 -16.57 7.91
O3 KQ8 L . -17.47 -14.44 7.39
O4 KQ8 L . -15.58 -14.25 8.44
O5 KQ8 L . -23.08 -21.72 4.31
O6 KQ8 L . -22.22 -20.57 2.29
S KQ8 L . -23.28 -21.24 2.99
S1 KQ8 L . -21.97 -17.67 7.95
C1 EDO M . 4.59 -7.36 9.80
O1 EDO M . 5.77 -7.20 9.02
C2 EDO M . 3.45 -7.93 9.03
O2 EDO M . 2.62 -8.77 9.83
ZN ZN N . 15.51 14.94 6.91
ZN ZN O . 17.50 16.14 3.80
C1 KQ8 P . 22.91 20.40 2.75
C2 KQ8 P . 21.47 20.36 3.26
C3 KQ8 P . 22.91 19.50 5.05
C4 KQ8 P . 21.47 19.53 4.54
C5 KQ8 P . 18.90 19.49 5.58
C6 KQ8 P . 18.63 18.19 5.89
C9 KQ8 P . 15.13 19.09 6.08
C11 KQ8 P . 14.73 20.20 3.84
C14 KQ8 P . 17.55 21.63 5.47
C13 KQ8 P . 17.59 20.13 5.18
C12 KQ8 P . 15.22 17.66 6.57
N KQ8 P . 22.52 22.55 -1.41
C KQ8 P . 23.34 21.83 2.33
O KQ8 P . 19.50 16.12 5.31
C10 KQ8 P . 14.18 19.29 4.92
C7 KQ8 P . 19.55 17.07 6.07
C8 KQ8 P . 16.68 19.27 6.09
N1 KQ8 P . 23.57 21.94 0.87
N2 KQ8 P . 23.67 20.01 3.96
N3 KQ8 P . 17.35 17.98 6.02
O1 KQ8 P . 20.33 17.14 7.12
O2 KQ8 P . 13.76 18.02 4.39
O3 KQ8 P . 15.13 16.68 5.85
O4 KQ8 P . 15.52 17.62 7.85
O5 KQ8 P . 21.26 21.32 0.29
O6 KQ8 P . 23.18 20.27 -0.88
S KQ8 P . 22.56 21.39 -0.28
S1 KQ8 P . 20.41 20.32 5.79
#